data_4IHP
#
_entry.id   4IHP
#
_cell.length_a   48.309
_cell.length_b   73.235
_cell.length_c   149.264
_cell.angle_alpha   90.000
_cell.angle_beta   90.000
_cell.angle_gamma   90.000
#
_symmetry.space_group_name_H-M   'P 21 21 21'
#
loop_
_entity.id
_entity.type
_entity.pdbx_description
1 polymer 'Calmodulin-domain protein kinase 1'
2 non-polymer 1-tert-butyl-3-(3-chlorophenoxy)-1H-pyrazolo[3,4-d]pyrimidin-4-amine
3 non-polymer 'UNKNOWN ATOM OR ION'
4 water water
#
_entity_poly.entity_id   1
_entity_poly.type   'polypeptide(L)'
_entity_poly.pdbx_seq_one_letter_code
;MGQQESTLGGAAGEPRSRGHAAGTSGGPGDHLHATPGMFVQHSTAIFSDRYKGQRVLGKGSFGEVILCKDKITGQECAVK
VISKRQVKQKTDKESLLREVQLLKQLDHPNIMKLYEFFEDKGYFYLVGEVYTGGELFDEIISRKRFSEVDAARIIRQVLS
GITYMHKNKIVHRDLKPENLLLESKSKDANIRIIDFGLSTHFEASKKMKDKIGTAYYIAPEVLHGTYDEKCDVWSTGVIL
YILLSGCPPFNGANEYDILKKVEKGKYTFELPQWKKVSESAKDLIRKMLTYVPSMRISARDALDHEWIQTYTKEQISVDV
PSLDNAILNIRQFQGTQKLAQAALLYMGSKLTSQDETKELTAIFHKMDKNGDGQLDRAELIEGYKELMRMKGQDASMLDA
SAVEHEVDQVLDAVDFDKNGYIEYSEFVTVAMDRKTLLSRERLERAFRMFDSDNSGKISSTELATIFGVSDVDSETWKSV
LSEVDKNNDGEVDFDEFQQMLLKLCGN
;
_entity_poly.pdbx_strand_id   A
#
# COMPACT_ATOMS: atom_id res chain seq x y z
N THR A 44 -17.91 -25.08 -9.45
CA THR A 44 -16.80 -24.09 -9.38
C THR A 44 -15.62 -24.70 -8.61
N ALA A 45 -14.42 -24.17 -8.82
CA ALA A 45 -13.26 -24.54 -7.99
C ALA A 45 -13.14 -23.58 -6.79
N ILE A 46 -12.70 -24.14 -5.67
CA ILE A 46 -12.68 -23.48 -4.37
C ILE A 46 -11.26 -23.10 -3.89
N PHE A 47 -11.08 -21.87 -3.44
CA PHE A 47 -9.73 -21.40 -3.18
C PHE A 47 -9.04 -22.21 -2.07
N SER A 48 -9.70 -22.36 -0.94
CA SER A 48 -9.10 -23.07 0.20
C SER A 48 -9.00 -24.61 0.03
N ASP A 49 -9.58 -25.16 -1.04
CA ASP A 49 -9.30 -26.55 -1.39
C ASP A 49 -7.88 -26.73 -1.93
N ARG A 50 -7.36 -25.66 -2.53
CA ARG A 50 -6.07 -25.68 -3.17
C ARG A 50 -4.95 -25.10 -2.36
N TYR A 51 -5.20 -23.97 -1.71
CA TYR A 51 -4.16 -23.20 -1.03
C TYR A 51 -4.43 -23.12 0.45
N LYS A 52 -3.38 -23.16 1.27
CA LYS A 52 -3.46 -22.81 2.70
C LYS A 52 -2.66 -21.51 2.92
N GLY A 53 -3.11 -20.64 3.82
CA GLY A 53 -2.39 -19.40 4.13
C GLY A 53 -1.23 -19.61 5.10
N GLN A 54 -0.11 -18.95 4.85
CA GLN A 54 1.07 -19.07 5.70
C GLN A 54 1.16 -17.85 6.60
N ARG A 55 1.24 -16.67 6.00
CA ARG A 55 1.36 -15.43 6.75
C ARG A 55 0.94 -14.21 5.93
N VAL A 56 0.57 -13.14 6.64
CA VAL A 56 0.08 -11.90 6.03
C VAL A 56 1.25 -11.12 5.47
N LEU A 57 1.19 -10.73 4.19
CA LEU A 57 2.29 -10.01 3.57
C LEU A 57 2.09 -8.52 3.67
N GLY A 58 0.84 -8.07 3.68
CA GLY A 58 0.57 -6.66 3.82
C GLY A 58 -0.76 -6.25 3.22
N LYS A 59 -0.98 -4.94 3.20
CA LYS A 59 -2.19 -4.34 2.65
C LYS A 59 -1.84 -3.69 1.33
N GLY A 60 -2.67 -3.93 0.32
CA GLY A 60 -2.52 -3.30 -0.98
C GLY A 60 -3.86 -2.81 -1.43
N SER A 61 -3.86 -2.16 -2.59
CA SER A 61 -5.10 -1.72 -3.24
C SER A 61 -6.11 -2.86 -3.37
N PHE A 62 -7.33 -2.59 -2.90
CA PHE A 62 -8.50 -3.47 -2.98
C PHE A 62 -8.55 -4.65 -2.04
N GLY A 63 -7.47 -4.88 -1.30
CA GLY A 63 -7.54 -5.84 -0.20
C GLY A 63 -6.22 -6.27 0.41
N GLU A 64 -6.32 -7.26 1.28
CA GLU A 64 -5.17 -7.83 1.98
C GLU A 64 -4.44 -8.81 1.07
N VAL A 65 -3.14 -8.95 1.26
CA VAL A 65 -2.33 -9.89 0.52
C VAL A 65 -1.72 -10.93 1.43
N ILE A 66 -1.97 -12.20 1.14
CA ILE A 66 -1.53 -13.30 1.97
C ILE A 66 -0.51 -14.16 1.23
N LEU A 67 0.53 -14.62 1.94
CA LEU A 67 1.45 -15.64 1.43
C LEU A 67 0.78 -16.99 1.55
N CYS A 68 0.58 -17.67 0.43
CA CYS A 68 -0.17 -18.94 0.42
C CYS A 68 0.63 -20.04 -0.23
N LYS A 69 0.26 -21.27 0.07
CA LYS A 69 1.01 -22.43 -0.41
C LYS A 69 0.06 -23.46 -0.95
N ASP A 70 0.38 -24.01 -2.11
CA ASP A 70 -0.44 -25.02 -2.73
C ASP A 70 -0.32 -26.28 -1.90
N LYS A 71 -1.44 -26.85 -1.47
CA LYS A 71 -1.42 -28.02 -0.58
C LYS A 71 -0.92 -29.29 -1.26
N ILE A 72 -0.82 -29.29 -2.59
CA ILE A 72 -0.35 -30.47 -3.28
C ILE A 72 1.08 -30.28 -3.74
N THR A 73 1.34 -29.22 -4.48
CA THR A 73 2.63 -29.06 -5.11
C THR A 73 3.60 -28.27 -4.31
N GLY A 74 3.16 -27.63 -3.22
CA GLY A 74 4.06 -26.80 -2.43
C GLY A 74 4.51 -25.48 -3.08
N GLN A 75 3.93 -25.12 -4.21
CA GLN A 75 4.15 -23.82 -4.84
C GLN A 75 3.66 -22.71 -3.89
N GLU A 76 4.52 -21.72 -3.67
CA GLU A 76 4.18 -20.54 -2.90
C GLU A 76 3.65 -19.47 -3.85
N CYS A 77 2.69 -18.69 -3.35
CA CYS A 77 2.09 -17.63 -4.15
CA CYS A 77 2.03 -17.66 -4.15
C CYS A 77 1.57 -16.50 -3.25
N ALA A 78 1.40 -15.33 -3.85
CA ALA A 78 0.79 -14.19 -3.18
C ALA A 78 -0.66 -14.12 -3.61
N VAL A 79 -1.57 -13.99 -2.64
CA VAL A 79 -2.98 -13.98 -2.88
C VAL A 79 -3.58 -12.71 -2.36
N LYS A 80 -4.21 -11.97 -3.26
CA LYS A 80 -4.92 -10.77 -2.84
C LYS A 80 -6.36 -11.14 -2.68
N VAL A 81 -6.89 -10.85 -1.50
CA VAL A 81 -8.26 -11.16 -1.13
C VAL A 81 -9.09 -9.88 -1.15
N ILE A 82 -10.00 -9.81 -2.12
CA ILE A 82 -10.83 -8.65 -2.36
C ILE A 82 -12.24 -8.93 -1.86
N SER A 83 -12.68 -8.13 -0.90
CA SER A 83 -14.00 -8.31 -0.31
C SER A 83 -15.09 -7.60 -1.11
N LYS A 84 -16.08 -8.36 -1.55
CA LYS A 84 -17.22 -7.82 -2.30
C LYS A 84 -18.06 -6.82 -1.49
N ARG A 85 -17.99 -6.94 -0.18
CA ARG A 85 -18.64 -6.02 0.74
C ARG A 85 -17.95 -4.67 0.89
N GLN A 86 -16.66 -4.56 0.61
CA GLN A 86 -15.96 -3.29 0.77
C GLN A 86 -15.54 -2.65 -0.53
N VAL A 87 -15.65 -3.39 -1.63
CA VAL A 87 -15.17 -2.95 -2.93
C VAL A 87 -16.22 -3.27 -3.97
N LYS A 88 -16.69 -2.23 -4.65
CA LYS A 88 -17.63 -2.39 -5.75
C LYS A 88 -16.92 -2.71 -7.07
N GLN A 89 -17.62 -3.44 -7.92
CA GLN A 89 -17.24 -3.69 -9.30
C GLN A 89 -17.77 -2.62 -10.22
N LYS A 90 -16.93 -2.15 -11.12
CA LYS A 90 -17.29 -1.18 -12.14
C LYS A 90 -17.80 -1.86 -13.41
N THR A 91 -17.56 -3.15 -13.54
CA THR A 91 -17.81 -3.86 -14.77
C THR A 91 -18.59 -5.09 -14.41
N ASP A 92 -19.16 -5.75 -15.41
CA ASP A 92 -19.91 -6.99 -15.20
C ASP A 92 -18.99 -8.22 -15.06
N LYS A 93 -19.56 -9.37 -14.70
CA LYS A 93 -18.82 -10.63 -14.57
C LYS A 93 -18.02 -10.93 -15.83
N GLU A 94 -18.73 -11.03 -16.95
CA GLU A 94 -18.12 -11.50 -18.20
C GLU A 94 -16.86 -10.72 -18.53
N SER A 95 -16.91 -9.41 -18.29
CA SER A 95 -15.81 -8.52 -18.62
C SER A 95 -14.61 -8.71 -17.67
N LEU A 96 -14.88 -8.95 -16.38
CA LEU A 96 -13.80 -9.29 -15.45
C LEU A 96 -13.12 -10.64 -15.83
N LEU A 97 -13.92 -11.66 -16.12
CA LEU A 97 -13.41 -12.99 -16.54
C LEU A 97 -12.51 -12.94 -17.76
N ARG A 98 -12.88 -12.17 -18.77
N ARG A 98 -12.93 -12.19 -18.76
CA ARG A 98 -12.08 -12.09 -19.97
CA ARG A 98 -12.16 -11.99 -20.00
C ARG A 98 -10.81 -11.31 -19.74
C ARG A 98 -10.83 -11.34 -19.70
N GLU A 99 -10.88 -10.31 -18.87
CA GLU A 99 -9.68 -9.59 -18.49
C GLU A 99 -8.72 -10.48 -17.68
N VAL A 100 -9.23 -11.28 -16.76
CA VAL A 100 -8.38 -12.22 -16.01
C VAL A 100 -7.78 -13.28 -16.90
N GLN A 101 -8.56 -13.74 -17.86
CA GLN A 101 -8.11 -14.78 -18.76
C GLN A 101 -6.94 -14.21 -19.58
N LEU A 102 -7.00 -12.95 -19.93
CA LEU A 102 -5.89 -12.32 -20.65
C LEU A 102 -4.65 -12.13 -19.76
N LEU A 103 -4.86 -11.60 -18.54
CA LEU A 103 -3.75 -11.30 -17.64
C LEU A 103 -2.95 -12.54 -17.34
N LYS A 104 -3.63 -13.67 -17.16
CA LYS A 104 -2.99 -14.95 -16.90
C LYS A 104 -2.05 -15.41 -18.02
N GLN A 105 -2.31 -14.98 -19.25
CA GLN A 105 -1.50 -15.33 -20.40
C GLN A 105 -0.30 -14.40 -20.62
N LEU A 106 -0.35 -13.19 -20.07
CA LEU A 106 0.69 -12.22 -20.36
C LEU A 106 1.96 -12.54 -19.57
N ASP A 107 3.09 -12.06 -20.07
CA ASP A 107 4.37 -12.40 -19.47
CA ASP A 107 4.36 -12.38 -19.42
C ASP A 107 5.41 -11.38 -19.86
N HIS A 108 5.99 -10.67 -18.87
CA HIS A 108 7.03 -9.65 -19.08
C HIS A 108 7.85 -9.58 -17.80
N PRO A 109 9.15 -9.33 -17.89
CA PRO A 109 9.93 -9.39 -16.64
C PRO A 109 9.71 -8.26 -15.62
N ASN A 110 9.00 -7.21 -15.99
CA ASN A 110 8.69 -6.10 -15.09
C ASN A 110 7.22 -5.97 -14.64
N ILE A 111 6.47 -7.06 -14.85
CA ILE A 111 5.04 -7.10 -14.61
C ILE A 111 4.76 -8.33 -13.76
N MET A 112 3.96 -8.17 -12.71
CA MET A 112 3.66 -9.29 -11.87
C MET A 112 3.00 -10.40 -12.65
N LYS A 113 3.37 -11.62 -12.32
CA LYS A 113 2.79 -12.78 -12.93
C LYS A 113 1.54 -13.19 -12.15
N LEU A 114 0.46 -13.29 -12.90
CA LEU A 114 -0.78 -13.81 -12.36
C LEU A 114 -0.96 -15.29 -12.72
N TYR A 115 -1.32 -16.10 -11.73
CA TYR A 115 -1.51 -17.53 -11.95
C TYR A 115 -2.98 -17.97 -11.96
N GLU A 116 -3.81 -17.48 -11.03
CA GLU A 116 -5.19 -17.99 -10.91
C GLU A 116 -6.14 -16.93 -10.33
N PHE A 117 -7.42 -17.23 -10.50
CA PHE A 117 -8.47 -16.38 -10.01
C PHE A 117 -9.64 -17.22 -9.52
N PHE A 118 -10.16 -16.86 -8.35
CA PHE A 118 -11.28 -17.58 -7.75
C PHE A 118 -12.30 -16.55 -7.28
N GLU A 119 -13.51 -17.03 -7.06
CA GLU A 119 -14.58 -16.17 -6.63
C GLU A 119 -15.56 -17.01 -5.86
N ASP A 120 -15.96 -16.54 -4.69
CA ASP A 120 -17.02 -17.17 -3.94
C ASP A 120 -18.10 -16.14 -3.60
N LYS A 121 -19.01 -16.51 -2.70
CA LYS A 121 -20.11 -15.64 -2.30
C LYS A 121 -19.65 -14.22 -1.95
N GLY A 122 -18.56 -14.12 -1.18
CA GLY A 122 -18.12 -12.86 -0.59
C GLY A 122 -16.80 -12.29 -1.06
N TYR A 123 -16.03 -13.01 -1.87
CA TYR A 123 -14.66 -12.58 -2.17
C TYR A 123 -14.17 -13.00 -3.52
N PHE A 124 -13.24 -12.21 -4.04
CA PHE A 124 -12.36 -12.61 -5.12
C PHE A 124 -10.97 -12.84 -4.58
N TYR A 125 -10.28 -13.81 -5.19
CA TYR A 125 -8.93 -14.17 -4.85
C TYR A 125 -8.06 -14.10 -6.09
N LEU A 126 -7.10 -13.19 -6.10
CA LEU A 126 -6.15 -13.11 -7.19
C LEU A 126 -4.84 -13.74 -6.71
N VAL A 127 -4.46 -14.84 -7.37
CA VAL A 127 -3.28 -15.63 -7.02
C VAL A 127 -2.18 -15.40 -8.02
N GLY A 128 -1.04 -14.93 -7.54
CA GLY A 128 0.10 -14.62 -8.40
C GLY A 128 1.44 -14.89 -7.74
N GLU A 129 2.49 -14.55 -8.45
CA GLU A 129 3.83 -14.81 -8.00
C GLU A 129 4.22 -13.88 -6.83
N VAL A 130 4.87 -14.46 -5.83
CA VAL A 130 5.32 -13.70 -4.67
CA VAL A 130 5.37 -13.77 -4.63
C VAL A 130 6.70 -13.10 -4.91
N TYR A 131 6.83 -11.80 -4.59
CA TYR A 131 8.11 -11.09 -4.65
C TYR A 131 8.58 -10.68 -3.25
N THR A 132 9.87 -10.87 -2.97
CA THR A 132 10.42 -10.74 -1.59
C THR A 132 11.43 -9.62 -1.36
N GLY A 133 11.62 -8.76 -2.36
CA GLY A 133 12.54 -7.62 -2.25
C GLY A 133 12.00 -6.32 -1.65
N GLY A 134 10.71 -6.31 -1.32
CA GLY A 134 10.06 -5.14 -0.70
C GLY A 134 9.87 -4.06 -1.73
N GLU A 135 9.41 -2.88 -1.30
CA GLU A 135 9.12 -1.73 -2.19
C GLU A 135 10.36 -0.98 -2.69
N LEU A 136 10.30 -0.46 -3.90
CA LEU A 136 11.47 0.11 -4.51
C LEU A 136 12.09 1.15 -3.60
N PHE A 137 11.27 2.03 -3.05
CA PHE A 137 11.80 3.20 -2.37
C PHE A 137 12.56 2.79 -1.10
N ASP A 138 12.15 1.70 -0.46
CA ASP A 138 12.81 1.24 0.76
C ASP A 138 14.21 0.72 0.49
N GLU A 139 14.44 0.17 -0.71
CA GLU A 139 15.76 -0.26 -1.11
C GLU A 139 16.66 0.93 -1.48
N ILE A 140 16.04 1.98 -2.01
CA ILE A 140 16.75 3.18 -2.37
C ILE A 140 17.29 3.95 -1.14
N ILE A 141 16.45 4.14 -0.15
CA ILE A 141 16.82 4.93 1.03
C ILE A 141 17.88 4.24 1.91
N SER A 142 18.10 2.94 1.70
CA SER A 142 19.18 2.23 2.35
C SER A 142 20.39 2.16 1.44
N ARG A 143 20.66 3.21 0.64
CA ARG A 143 21.85 3.21 -0.20
C ARG A 143 22.77 4.36 0.15
N LYS A 144 24.05 4.20 -0.17
CA LYS A 144 25.07 5.24 0.05
C LYS A 144 25.00 6.21 -1.10
N ARG A 145 25.23 5.69 -2.29
CA ARG A 145 25.14 6.50 -3.50
C ARG A 145 23.83 6.21 -4.23
N PHE A 146 23.32 7.23 -4.91
CA PHE A 146 22.23 7.09 -5.88
C PHE A 146 22.46 8.17 -6.92
N SER A 147 22.59 7.78 -8.19
CA SER A 147 22.82 8.72 -9.31
C SER A 147 21.75 8.67 -10.41
N GLU A 148 21.88 9.57 -11.37
CA GLU A 148 21.04 9.53 -12.56
C GLU A 148 21.08 8.19 -13.25
N VAL A 149 22.17 7.45 -13.06
CA VAL A 149 22.33 6.14 -13.69
C VAL A 149 21.41 5.12 -13.04
N ASP A 150 21.37 5.12 -11.72
CA ASP A 150 20.45 4.26 -11.00
C ASP A 150 18.99 4.65 -11.29
N ALA A 151 18.70 5.94 -11.46
CA ALA A 151 17.34 6.40 -11.79
C ALA A 151 16.92 5.92 -13.16
N ALA A 152 17.80 6.10 -14.12
CA ALA A 152 17.54 5.70 -15.48
C ALA A 152 17.28 4.19 -15.56
N ARG A 153 17.96 3.40 -14.75
CA ARG A 153 17.81 1.94 -14.83
C ARG A 153 16.49 1.47 -14.22
N ILE A 154 16.07 2.19 -13.20
CA ILE A 154 14.75 2.03 -12.64
C ILE A 154 13.69 2.41 -13.64
N ILE A 155 13.79 3.59 -14.20
CA ILE A 155 12.72 4.08 -15.07
C ILE A 155 12.66 3.28 -16.37
N ARG A 156 13.79 2.82 -16.91
CA ARG A 156 13.75 1.97 -18.11
C ARG A 156 12.90 0.71 -17.84
N GLN A 157 13.09 0.07 -16.70
CA GLN A 157 12.27 -1.10 -16.40
C GLN A 157 10.79 -0.78 -16.30
N VAL A 158 10.46 0.36 -15.71
CA VAL A 158 9.09 0.72 -15.50
C VAL A 158 8.43 0.98 -16.85
N LEU A 159 9.12 1.72 -17.70
CA LEU A 159 8.60 2.06 -19.00
C LEU A 159 8.52 0.84 -19.89
N SER A 160 9.43 -0.11 -19.67
CA SER A 160 9.39 -1.34 -20.43
C SER A 160 8.14 -2.18 -20.11
N GLY A 161 7.83 -2.43 -18.84
CA GLY A 161 6.58 -3.11 -18.48
C GLY A 161 5.32 -2.39 -19.00
N ILE A 162 5.32 -1.07 -18.87
CA ILE A 162 4.15 -0.26 -19.23
C ILE A 162 3.90 -0.36 -20.75
N THR A 163 4.93 -0.03 -21.53
CA THR A 163 4.95 -0.25 -23.01
C THR A 163 4.27 -1.53 -23.42
N TYR A 164 4.77 -2.65 -22.91
CA TYR A 164 4.16 -3.97 -23.10
C TYR A 164 2.69 -4.11 -22.66
N MET A 165 2.32 -3.58 -21.51
CA MET A 165 0.90 -3.70 -21.12
C MET A 165 -0.01 -2.83 -22.02
N HIS A 166 0.48 -1.68 -22.46
CA HIS A 166 -0.28 -0.84 -23.37
C HIS A 166 -0.51 -1.48 -24.73
N LYS A 167 0.48 -2.20 -25.25
CA LYS A 167 0.28 -2.97 -26.49
C LYS A 167 -0.81 -4.01 -26.37
N ASN A 168 -1.05 -4.51 -25.17
CA ASN A 168 -2.17 -5.42 -24.90
C ASN A 168 -3.39 -4.71 -24.34
N LYS A 169 -3.46 -3.38 -24.46
CA LYS A 169 -4.67 -2.62 -24.12
C LYS A 169 -4.99 -2.67 -22.61
N ILE A 170 -3.99 -2.77 -21.77
CA ILE A 170 -4.19 -2.72 -20.32
C ILE A 170 -3.52 -1.46 -19.82
N VAL A 171 -4.28 -0.70 -19.05
CA VAL A 171 -3.87 0.59 -18.48
C VAL A 171 -3.82 0.37 -16.95
N HIS A 172 -2.84 0.98 -16.27
CA HIS A 172 -2.76 0.80 -14.78
C HIS A 172 -3.68 1.83 -14.05
N ARG A 173 -3.43 3.11 -14.30
CA ARG A 173 -4.19 4.25 -13.72
C ARG A 173 -3.70 4.69 -12.34
N ASP A 174 -3.21 3.76 -11.52
CA ASP A 174 -2.80 4.04 -10.14
C ASP A 174 -1.36 3.69 -9.93
N LEU A 175 -0.54 3.97 -10.93
CA LEU A 175 0.88 3.67 -10.82
C LEU A 175 1.50 4.53 -9.72
N LYS A 176 2.20 3.92 -8.79
CA LYS A 176 2.86 4.68 -7.74
C LYS A 176 3.99 3.86 -7.10
N PRO A 177 4.82 4.51 -6.28
CA PRO A 177 5.96 3.75 -5.77
C PRO A 177 5.63 2.46 -5.05
N GLU A 178 4.54 2.42 -4.29
CA GLU A 178 4.11 1.23 -3.58
C GLU A 178 3.83 0.06 -4.54
N ASN A 179 3.55 0.34 -5.81
CA ASN A 179 3.22 -0.69 -6.78
C ASN A 179 4.47 -1.23 -7.49
N LEU A 180 5.65 -0.74 -7.13
CA LEU A 180 6.90 -1.22 -7.71
C LEU A 180 7.69 -2.06 -6.70
N LEU A 181 7.62 -3.38 -6.85
CA LEU A 181 8.29 -4.29 -5.96
C LEU A 181 9.59 -4.78 -6.59
N LEU A 182 10.57 -5.05 -5.75
CA LEU A 182 11.80 -5.65 -6.19
C LEU A 182 11.62 -7.14 -6.13
N GLU A 183 11.99 -7.82 -7.21
CA GLU A 183 11.68 -9.22 -7.36
C GLU A 183 12.28 -10.07 -6.26
N SER A 184 13.48 -9.74 -5.83
CA SER A 184 14.13 -10.43 -4.70
C SER A 184 15.08 -9.52 -3.92
N LYS A 185 15.66 -10.06 -2.85
CA LYS A 185 16.61 -9.29 -2.01
C LYS A 185 17.94 -9.04 -2.71
N SER A 186 18.21 -9.74 -3.82
CA SER A 186 19.44 -9.56 -4.60
C SER A 186 19.72 -8.11 -5.00
N LYS A 187 20.93 -7.89 -5.53
CA LYS A 187 21.38 -6.56 -5.91
C LYS A 187 20.90 -6.18 -7.30
N ASP A 188 20.97 -7.12 -8.26
CA ASP A 188 20.55 -6.83 -9.63
C ASP A 188 19.06 -7.15 -9.93
N ALA A 189 18.22 -7.11 -8.90
CA ALA A 189 16.84 -7.59 -9.04
C ALA A 189 15.94 -6.68 -9.89
N ASN A 190 15.14 -7.34 -10.68
CA ASN A 190 14.16 -6.66 -11.47
C ASN A 190 13.04 -6.08 -10.61
N ILE A 191 12.52 -4.97 -11.09
CA ILE A 191 11.31 -4.35 -10.59
C ILE A 191 10.07 -5.01 -11.24
N ARG A 192 9.11 -5.37 -10.41
CA ARG A 192 7.85 -5.94 -10.84
C ARG A 192 6.74 -4.95 -10.46
N ILE A 193 5.91 -4.58 -11.45
CA ILE A 193 4.76 -3.68 -11.24
C ILE A 193 3.56 -4.55 -10.87
N ILE A 194 2.96 -4.29 -9.74
CA ILE A 194 1.73 -5.00 -9.31
C ILE A 194 0.48 -4.14 -9.62
N ASP A 195 -0.68 -4.81 -9.73
CA ASP A 195 -2.01 -4.18 -9.86
C ASP A 195 -2.39 -3.66 -11.24
N PHE A 196 -1.67 -4.03 -12.30
CA PHE A 196 -2.13 -3.65 -13.66
C PHE A 196 -3.53 -4.18 -13.94
N GLY A 197 -4.40 -3.32 -14.47
CA GLY A 197 -5.76 -3.73 -14.86
C GLY A 197 -6.84 -3.69 -13.79
N LEU A 198 -6.46 -3.75 -12.51
CA LEU A 198 -7.44 -3.82 -11.42
C LEU A 198 -8.36 -2.62 -11.35
N SER A 199 -7.81 -1.43 -11.52
CA SER A 199 -8.59 -0.23 -11.36
C SER A 199 -9.64 -0.12 -12.45
N THR A 200 -9.51 -0.87 -13.55
CA THR A 200 -10.55 -0.85 -14.59
C THR A 200 -11.78 -1.61 -14.10
N HIS A 201 -11.58 -2.51 -13.13
CA HIS A 201 -12.66 -3.41 -12.72
C HIS A 201 -13.23 -3.18 -11.32
N PHE A 202 -12.52 -2.43 -10.49
CA PHE A 202 -12.92 -2.25 -9.10
C PHE A 202 -12.80 -0.77 -8.74
N GLU A 203 -13.80 -0.25 -8.01
CA GLU A 203 -13.87 1.16 -7.61
C GLU A 203 -12.94 1.46 -6.45
N ALA A 204 -12.24 2.60 -6.57
CA ALA A 204 -11.33 3.13 -5.56
C ALA A 204 -12.07 3.37 -4.24
N SER A 205 -11.40 3.06 -3.11
CA SER A 205 -11.87 3.46 -1.80
C SER A 205 -11.82 4.98 -1.65
N LYS A 206 -12.82 5.53 -0.95
CA LYS A 206 -12.82 6.95 -0.55
C LYS A 206 -12.21 7.18 0.84
N LYS A 207 -11.77 6.12 1.50
CA LYS A 207 -11.28 6.24 2.86
C LYS A 207 -9.82 6.61 2.79
N MET A 208 -9.42 7.53 3.65
CA MET A 208 -8.04 7.99 3.65
C MET A 208 -7.05 6.87 4.07
N LYS A 209 -7.47 5.92 4.91
CA LYS A 209 -6.73 4.65 5.09
C LYS A 209 -6.16 4.11 3.78
N ASP A 210 -6.99 4.14 2.73
CA ASP A 210 -6.77 3.45 1.46
C ASP A 210 -6.18 4.36 0.36
N LYS A 211 -6.25 5.68 0.55
CA LYS A 211 -5.85 6.65 -0.46
C LYS A 211 -4.52 7.31 -0.13
N ILE A 212 -3.85 6.89 0.94
CA ILE A 212 -2.61 7.54 1.37
C ILE A 212 -1.58 7.60 0.25
N GLY A 213 -1.18 8.81 -0.09
CA GLY A 213 -0.17 9.01 -1.12
C GLY A 213 -0.58 8.73 -2.55
N THR A 214 -1.87 8.63 -2.87
CA THR A 214 -2.29 8.44 -4.27
C THR A 214 -2.41 9.72 -5.06
N ALA A 215 -2.68 10.85 -4.41
CA ALA A 215 -2.90 12.10 -5.09
C ALA A 215 -1.66 12.68 -5.78
N TYR A 216 -0.47 12.34 -5.31
CA TYR A 216 0.76 12.82 -5.95
C TYR A 216 0.89 12.35 -7.37
N TYR A 217 0.36 11.16 -7.67
CA TYR A 217 0.72 10.40 -8.89
C TYR A 217 -0.35 10.42 -10.00
N ILE A 218 -1.53 10.93 -9.69
CA ILE A 218 -2.71 10.68 -10.50
C ILE A 218 -2.72 11.68 -11.63
N ALA A 219 -3.03 11.24 -12.85
CA ALA A 219 -3.05 12.16 -14.00
C ALA A 219 -4.27 13.09 -13.95
N PRO A 220 -4.09 14.38 -14.31
CA PRO A 220 -5.19 15.33 -14.25
C PRO A 220 -6.40 14.84 -14.96
N GLU A 221 -6.20 14.21 -16.11
CA GLU A 221 -7.31 13.76 -16.93
C GLU A 221 -8.06 12.61 -16.29
N VAL A 222 -7.43 11.91 -15.35
CA VAL A 222 -8.16 10.83 -14.65
C VAL A 222 -9.15 11.52 -13.68
N LEU A 223 -8.76 12.68 -13.12
CA LEU A 223 -9.65 13.43 -12.23
C LEU A 223 -10.93 13.88 -12.95
N HIS A 224 -10.86 14.22 -14.23
CA HIS A 224 -12.05 14.70 -14.95
C HIS A 224 -12.83 13.67 -15.73
N GLY A 225 -12.36 12.44 -15.84
CA GLY A 225 -13.17 11.36 -16.45
C GLY A 225 -12.75 10.81 -17.80
N THR A 226 -12.07 11.60 -18.62
CA THR A 226 -11.68 11.12 -19.94
C THR A 226 -10.18 10.81 -19.92
N TYR A 227 -9.86 9.52 -19.89
CA TYR A 227 -8.48 9.13 -19.82
C TYR A 227 -8.19 7.87 -20.59
N ASP A 228 -6.92 7.70 -20.94
CA ASP A 228 -6.45 6.56 -21.69
C ASP A 228 -5.13 6.11 -21.11
N GLU A 229 -4.38 5.31 -21.88
CA GLU A 229 -3.08 4.80 -21.45
C GLU A 229 -2.03 5.86 -21.14
N LYS A 230 -2.12 7.05 -21.74
CA LYS A 230 -1.17 8.10 -21.42
C LYS A 230 -1.14 8.46 -19.91
N CYS A 231 -2.19 8.12 -19.15
CA CYS A 231 -2.20 8.45 -17.73
C CYS A 231 -1.04 7.77 -16.99
N ASP A 232 -0.63 6.58 -17.46
CA ASP A 232 0.52 5.87 -16.89
C ASP A 232 1.85 6.55 -17.14
N VAL A 233 1.98 7.28 -18.22
CA VAL A 233 3.22 8.04 -18.49
C VAL A 233 3.35 9.20 -17.54
N TRP A 234 2.24 9.88 -17.29
CA TRP A 234 2.24 11.00 -16.35
C TRP A 234 2.72 10.51 -14.95
N SER A 235 2.14 9.41 -14.47
CA SER A 235 2.45 8.89 -13.15
C SER A 235 3.95 8.54 -13.06
N THR A 236 4.49 8.02 -14.16
CA THR A 236 5.87 7.59 -14.25
C THR A 236 6.80 8.82 -14.25
N GLY A 237 6.42 9.87 -14.93
CA GLY A 237 7.10 11.14 -14.80
C GLY A 237 7.02 11.74 -13.40
N VAL A 238 5.92 11.54 -12.70
CA VAL A 238 5.91 12.02 -11.30
C VAL A 238 6.97 11.27 -10.47
N ILE A 239 7.04 9.96 -10.64
CA ILE A 239 7.97 9.12 -9.91
C ILE A 239 9.40 9.49 -10.31
N LEU A 240 9.63 9.73 -11.60
CA LEU A 240 10.94 10.20 -12.03
C LEU A 240 11.33 11.51 -11.36
N TYR A 241 10.37 12.44 -11.23
CA TYR A 241 10.65 13.71 -10.58
C TYR A 241 11.12 13.49 -9.15
N ILE A 242 10.53 12.52 -8.48
CA ILE A 242 10.80 12.31 -7.06
C ILE A 242 12.15 11.61 -6.92
N LEU A 243 12.45 10.69 -7.82
CA LEU A 243 13.72 9.98 -7.79
C LEU A 243 14.92 10.93 -7.87
N LEU A 244 14.74 12.02 -8.63
CA LEU A 244 15.82 12.97 -8.88
C LEU A 244 15.85 14.19 -7.95
N SER A 245 14.77 14.45 -7.21
CA SER A 245 14.75 15.60 -6.28
C SER A 245 14.35 15.25 -4.87
N GLY A 246 13.80 14.06 -4.70
CA GLY A 246 13.24 13.64 -3.46
C GLY A 246 11.95 14.27 -3.03
N CYS A 247 11.31 15.05 -3.89
CA CYS A 247 10.08 15.79 -3.55
C CYS A 247 9.02 15.64 -4.66
N PRO A 248 7.74 15.64 -4.29
CA PRO A 248 6.68 15.55 -5.30
C PRO A 248 6.58 16.80 -6.13
N PRO A 249 6.40 16.68 -7.44
CA PRO A 249 6.25 17.89 -8.25
C PRO A 249 4.98 18.68 -7.91
N PHE A 250 3.92 18.00 -7.47
CA PHE A 250 2.65 18.63 -7.13
C PHE A 250 2.39 18.24 -5.73
N ASN A 251 2.45 19.22 -4.84
CA ASN A 251 2.43 18.97 -3.41
C ASN A 251 1.54 20.01 -2.78
N GLY A 252 1.18 19.75 -1.54
CA GLY A 252 0.31 20.60 -0.81
C GLY A 252 0.18 20.06 0.61
N ALA A 253 -0.61 20.75 1.40
CA ALA A 253 -0.70 20.55 2.83
C ALA A 253 -1.75 19.50 3.18
N ASN A 254 -2.60 19.17 2.22
CA ASN A 254 -3.61 18.11 2.42
C ASN A 254 -4.04 17.52 1.06
N GLU A 255 -4.81 16.43 1.08
CA GLU A 255 -5.08 15.71 -0.14
C GLU A 255 -5.63 16.64 -1.22
N TYR A 256 -6.62 17.45 -0.84
CA TYR A 256 -7.32 18.28 -1.80
C TYR A 256 -6.43 19.41 -2.35
N ASP A 257 -5.55 19.91 -1.50
CA ASP A 257 -4.59 20.90 -1.97
C ASP A 257 -3.71 20.23 -3.05
N ILE A 258 -3.39 18.95 -2.87
CA ILE A 258 -2.48 18.30 -3.84
C ILE A 258 -3.20 18.16 -5.17
N LEU A 259 -4.44 17.72 -5.10
CA LEU A 259 -5.27 17.55 -6.28
C LEU A 259 -5.46 18.84 -7.03
N LYS A 260 -5.52 19.96 -6.31
CA LYS A 260 -5.63 21.25 -6.98
C LYS A 260 -4.39 21.58 -7.78
N LYS A 261 -3.23 21.31 -7.21
CA LYS A 261 -1.98 21.46 -7.95
C LYS A 261 -1.92 20.60 -9.22
N VAL A 262 -2.30 19.33 -9.10
CA VAL A 262 -2.33 18.39 -10.20
C VAL A 262 -3.26 18.92 -11.26
N GLU A 263 -4.49 19.27 -10.91
CA GLU A 263 -5.43 19.76 -11.91
C GLU A 263 -4.92 20.99 -12.67
N LYS A 264 -4.28 21.92 -11.99
CA LYS A 264 -3.69 23.08 -12.67
C LYS A 264 -2.46 22.65 -13.50
N GLY A 265 -1.67 21.74 -12.96
CA GLY A 265 -0.67 21.02 -13.75
C GLY A 265 0.67 21.70 -13.90
N LYS A 266 0.85 22.82 -13.19
CA LYS A 266 2.08 23.60 -13.18
C LYS A 266 3.01 23.03 -12.10
N TYR A 267 4.28 22.86 -12.46
CA TYR A 267 5.33 22.41 -11.57
C TYR A 267 6.58 23.22 -12.00
N THR A 268 7.65 23.19 -11.20
CA THR A 268 8.92 23.80 -11.57
C THR A 268 10.12 22.93 -11.18
N PHE A 269 11.28 23.36 -11.66
CA PHE A 269 12.54 22.72 -11.36
C PHE A 269 13.36 23.71 -10.57
N GLU A 270 12.74 24.34 -9.57
CA GLU A 270 13.31 25.51 -8.91
C GLU A 270 14.01 25.17 -7.63
N LEU A 271 13.83 23.96 -7.15
CA LEU A 271 14.51 23.51 -5.96
C LEU A 271 15.99 23.45 -6.28
N PRO A 272 16.86 23.75 -5.28
CA PRO A 272 18.33 23.75 -5.45
C PRO A 272 18.93 22.47 -6.00
N GLN A 273 18.43 21.31 -5.60
CA GLN A 273 19.00 20.02 -6.03
C GLN A 273 18.80 19.70 -7.53
N TRP A 274 17.87 20.38 -8.20
CA TRP A 274 17.76 20.30 -9.67
C TRP A 274 19.02 20.84 -10.41
N LYS A 275 19.84 21.67 -9.75
CA LYS A 275 21.10 22.14 -10.35
C LYS A 275 22.02 20.97 -10.60
N LYS A 276 21.95 19.95 -9.76
CA LYS A 276 22.78 18.76 -9.94
C LYS A 276 22.29 17.82 -11.05
N VAL A 277 21.27 18.21 -11.82
CA VAL A 277 20.61 17.27 -12.69
C VAL A 277 20.76 17.66 -14.13
N SER A 278 21.08 16.68 -14.96
CA SER A 278 21.20 16.87 -16.40
C SER A 278 19.95 17.52 -17.00
N GLU A 279 20.16 18.24 -18.08
CA GLU A 279 19.06 18.89 -18.75
CA GLU A 279 19.06 18.89 -18.77
C GLU A 279 18.21 17.88 -19.53
N SER A 280 18.80 16.78 -20.00
CA SER A 280 18.04 15.77 -20.72
C SER A 280 17.00 15.06 -19.79
N ALA A 281 17.29 14.97 -18.50
CA ALA A 281 16.34 14.39 -17.55
C ALA A 281 15.16 15.34 -17.41
N LYS A 282 15.47 16.63 -17.38
CA LYS A 282 14.46 17.67 -17.30
C LYS A 282 13.62 17.68 -18.55
N ASP A 283 14.24 17.48 -19.70
CA ASP A 283 13.50 17.40 -20.96
C ASP A 283 12.56 16.19 -20.96
N LEU A 284 12.99 15.04 -20.42
CA LEU A 284 12.11 13.87 -20.40
C LEU A 284 10.89 14.13 -19.49
N ILE A 285 11.17 14.57 -18.27
CA ILE A 285 10.13 14.90 -17.34
C ILE A 285 9.11 15.83 -17.98
N ARG A 286 9.58 16.85 -18.71
CA ARG A 286 8.65 17.80 -19.31
C ARG A 286 7.72 17.09 -20.26
N LYS A 287 8.22 16.18 -21.08
CA LYS A 287 7.40 15.44 -22.05
C LYS A 287 6.39 14.48 -21.42
N MET A 288 6.76 13.91 -20.28
CA MET A 288 5.94 12.96 -19.57
C MET A 288 4.85 13.68 -18.76
N LEU A 289 5.18 14.87 -18.29
CA LEU A 289 4.24 15.72 -17.52
C LEU A 289 3.60 16.78 -18.40
N THR A 290 3.50 16.51 -19.69
CA THR A 290 2.72 17.32 -20.60
C THR A 290 1.23 17.12 -20.31
N TYR A 291 0.51 18.23 -20.22
CA TYR A 291 -0.84 18.23 -19.70
C TYR A 291 -1.85 17.54 -20.61
N VAL A 292 -1.92 17.93 -21.88
CA VAL A 292 -2.83 17.30 -22.86
C VAL A 292 -2.28 15.91 -23.27
N PRO A 293 -3.02 14.83 -22.99
CA PRO A 293 -2.47 13.51 -23.19
C PRO A 293 -2.05 13.18 -24.62
N SER A 294 -2.69 13.78 -25.61
CA SER A 294 -2.34 13.50 -26.99
C SER A 294 -1.00 14.15 -27.33
N MET A 295 -0.56 15.13 -26.55
CA MET A 295 0.75 15.75 -26.72
C MET A 295 1.78 15.08 -25.85
N ARG A 296 1.33 14.23 -24.94
CA ARG A 296 2.23 13.59 -24.01
C ARG A 296 2.90 12.43 -24.72
N ILE A 297 4.18 12.27 -24.43
CA ILE A 297 4.99 11.18 -24.96
C ILE A 297 4.46 9.81 -24.51
N SER A 298 4.50 8.85 -25.43
CA SER A 298 4.17 7.46 -25.18
C SER A 298 5.25 6.74 -24.35
N ALA A 299 4.89 5.64 -23.74
CA ALA A 299 5.86 4.86 -23.02
C ALA A 299 7.02 4.38 -23.93
N ARG A 300 6.69 3.91 -25.11
CA ARG A 300 7.66 3.37 -26.05
C ARG A 300 8.59 4.48 -26.50
N ASP A 301 8.01 5.62 -26.87
CA ASP A 301 8.83 6.73 -27.32
C ASP A 301 9.74 7.22 -26.20
N ALA A 302 9.32 7.04 -24.96
CA ALA A 302 10.13 7.52 -23.82
C ALA A 302 11.37 6.63 -23.57
N LEU A 303 11.27 5.35 -23.92
CA LEU A 303 12.41 4.44 -23.89
C LEU A 303 13.48 4.82 -24.91
N ASP A 304 13.11 5.52 -25.98
CA ASP A 304 14.09 6.01 -26.93
C ASP A 304 14.60 7.43 -26.65
N HIS A 305 14.23 8.02 -25.53
CA HIS A 305 14.69 9.36 -25.19
C HIS A 305 16.17 9.32 -24.84
N GLU A 306 16.86 10.40 -25.20
CA GLU A 306 18.30 10.52 -25.04
C GLU A 306 18.78 10.26 -23.61
N TRP A 307 18.02 10.70 -22.62
CA TRP A 307 18.35 10.44 -21.22
C TRP A 307 18.45 8.96 -20.92
N ILE A 308 17.44 8.20 -21.34
CA ILE A 308 17.44 6.75 -21.14
C ILE A 308 18.65 6.15 -21.88
N GLN A 309 18.85 6.52 -23.15
CA GLN A 309 19.97 5.99 -23.94
C GLN A 309 21.28 6.28 -23.26
N THR A 310 21.51 7.56 -22.96
CA THR A 310 22.75 7.99 -22.37
C THR A 310 23.07 7.30 -21.07
N TYR A 311 22.18 7.46 -20.11
CA TYR A 311 22.43 7.00 -18.75
C TYR A 311 22.23 5.51 -18.49
N THR A 312 21.74 4.74 -19.46
CA THR A 312 21.63 3.26 -19.27
C THR A 312 22.67 2.41 -20.01
N LYS A 313 23.44 3.02 -20.92
CA LYS A 313 24.62 2.38 -21.50
C LYS A 313 25.34 1.54 -20.44
N GLU A 314 25.48 0.23 -20.70
CA GLU A 314 26.40 -0.65 -19.98
C GLU A 314 27.81 -0.03 -19.98
N GLN A 315 28.18 0.57 -21.12
CA GLN A 315 29.44 1.31 -21.28
C GLN A 315 29.66 2.29 -20.13
N ILE A 316 28.67 3.13 -19.86
CA ILE A 316 28.80 4.23 -18.91
C ILE A 316 29.57 5.38 -19.56
N SER A 317 29.44 6.59 -19.00
CA SER A 317 30.18 7.76 -19.47
C SER A 317 29.81 8.97 -18.64
N VAL A 320 29.84 11.38 -12.79
CA VAL A 320 28.40 11.20 -12.56
C VAL A 320 28.10 11.16 -11.04
N PRO A 321 27.63 12.29 -10.48
CA PRO A 321 27.58 12.47 -9.02
C PRO A 321 26.43 11.75 -8.34
N SER A 322 26.55 11.57 -7.02
CA SER A 322 25.48 11.05 -6.19
C SER A 322 24.57 12.20 -5.78
N LEU A 323 23.27 12.00 -5.89
CA LEU A 323 22.27 13.04 -5.62
C LEU A 323 21.88 12.96 -4.18
N ASP A 324 22.83 13.31 -3.31
CA ASP A 324 22.66 13.06 -1.89
C ASP A 324 21.46 13.82 -1.32
N ASN A 325 21.15 14.98 -1.87
CA ASN A 325 19.98 15.71 -1.41
C ASN A 325 18.69 14.95 -1.77
N ALA A 326 18.62 14.48 -3.01
CA ALA A 326 17.49 13.66 -3.43
C ALA A 326 17.23 12.52 -2.46
N ILE A 327 18.30 11.83 -2.04
CA ILE A 327 18.20 10.67 -1.14
C ILE A 327 17.75 11.01 0.27
N LEU A 328 18.30 12.10 0.80
CA LEU A 328 17.81 12.60 2.07
C LEU A 328 16.31 12.87 2.01
N ASN A 329 15.86 13.58 0.98
CA ASN A 329 14.44 13.94 0.90
C ASN A 329 13.52 12.75 0.70
N ILE A 330 13.99 11.78 -0.09
CA ILE A 330 13.27 10.54 -0.26
C ILE A 330 13.18 9.75 1.06
N ARG A 331 14.26 9.75 1.85
CA ARG A 331 14.20 9.11 3.16
C ARG A 331 13.17 9.80 4.05
N GLN A 332 13.13 11.10 4.02
CA GLN A 332 12.14 11.88 4.78
C GLN A 332 10.69 11.69 4.31
N PHE A 333 10.53 11.74 2.99
CA PHE A 333 9.25 11.53 2.37
C PHE A 333 8.69 10.15 2.75
N GLN A 334 9.53 9.13 2.58
CA GLN A 334 9.10 7.77 2.83
C GLN A 334 8.70 7.55 4.28
N GLY A 335 9.44 8.15 5.22
CA GLY A 335 9.10 8.02 6.63
C GLY A 335 7.82 8.72 6.97
N THR A 336 7.63 9.89 6.39
CA THR A 336 6.38 10.63 6.63
C THR A 336 5.18 9.84 6.12
N GLN A 337 5.25 9.35 4.87
CA GLN A 337 4.13 8.59 4.25
C GLN A 337 3.77 7.35 5.06
N LYS A 338 4.80 6.65 5.52
CA LYS A 338 4.62 5.40 6.24
C LYS A 338 4.12 5.67 7.65
N LEU A 339 4.57 6.76 8.29
CA LEU A 339 4.03 7.10 9.62
C LEU A 339 2.56 7.49 9.50
N ALA A 340 2.23 8.38 8.57
CA ALA A 340 0.80 8.70 8.34
C ALA A 340 -0.04 7.45 8.02
N GLN A 341 0.49 6.54 7.21
CA GLN A 341 -0.26 5.32 6.85
C GLN A 341 -0.49 4.45 8.10
N ALA A 342 0.56 4.22 8.89
CA ALA A 342 0.47 3.51 10.15
C ALA A 342 -0.48 4.16 11.18
N ALA A 343 -0.51 5.49 11.24
CA ALA A 343 -1.44 6.21 12.12
C ALA A 343 -2.91 5.88 11.82
N LEU A 344 -3.28 5.97 10.53
CA LEU A 344 -4.64 5.58 10.09
C LEU A 344 -5.01 4.10 10.33
N LEU A 345 -4.08 3.21 10.07
CA LEU A 345 -4.37 1.77 10.24
C LEU A 345 -4.53 1.45 11.69
N TYR A 346 -3.67 2.02 12.52
CA TYR A 346 -3.86 1.96 13.96
C TYR A 346 -5.27 2.44 14.39
N MET A 347 -5.68 3.64 14.00
CA MET A 347 -7.03 4.13 14.31
C MET A 347 -8.13 3.24 13.76
N GLY A 348 -8.04 2.89 12.47
CA GLY A 348 -8.98 1.92 11.90
C GLY A 348 -9.04 0.60 12.69
N SER A 349 -7.88 0.07 13.08
CA SER A 349 -7.84 -1.20 13.85
C SER A 349 -8.46 -1.05 15.22
N LYS A 350 -8.30 0.12 15.82
CA LYS A 350 -8.97 0.35 17.10
C LYS A 350 -10.52 0.33 16.97
N LEU A 351 -11.07 0.96 15.95
CA LEU A 351 -12.53 0.93 15.73
C LEU A 351 -13.05 -0.46 15.43
N THR A 352 -12.35 -1.18 14.57
CA THR A 352 -12.70 -2.59 14.28
C THR A 352 -12.65 -3.42 15.55
N SER A 353 -11.58 -3.27 16.30
CA SER A 353 -11.41 -4.01 17.57
C SER A 353 -12.58 -3.80 18.53
N GLN A 354 -13.03 -2.56 18.68
CA GLN A 354 -14.21 -2.25 19.50
C GLN A 354 -15.46 -2.94 18.95
N ASP A 355 -15.73 -2.71 17.66
CA ASP A 355 -16.86 -3.32 16.96
C ASP A 355 -16.89 -4.86 17.15
N GLU A 356 -15.75 -5.53 16.95
CA GLU A 356 -15.72 -7.01 17.00
C GLU A 356 -15.67 -7.57 18.43
N THR A 357 -15.04 -6.84 19.34
CA THR A 357 -14.99 -7.23 20.75
C THR A 357 -16.42 -7.36 21.32
N LYS A 358 -17.26 -6.34 21.11
CA LYS A 358 -18.64 -6.40 21.62
C LYS A 358 -19.50 -7.42 20.88
N GLU A 359 -19.25 -7.63 19.60
CA GLU A 359 -20.04 -8.57 18.81
C GLU A 359 -19.73 -10.00 19.21
N LEU A 360 -18.47 -10.26 19.51
CA LEU A 360 -18.03 -11.59 19.92
C LEU A 360 -18.60 -11.89 21.26
N THR A 361 -18.56 -10.87 22.12
CA THR A 361 -19.20 -10.96 23.43
C THR A 361 -20.69 -11.30 23.28
N ALA A 362 -21.38 -10.63 22.35
CA ALA A 362 -22.80 -10.90 22.11
C ALA A 362 -23.03 -12.32 21.61
N ILE A 363 -22.23 -12.73 20.63
CA ILE A 363 -22.27 -14.11 20.11
C ILE A 363 -22.02 -15.12 21.22
N PHE A 364 -21.01 -14.89 22.07
CA PHE A 364 -20.70 -15.85 23.13
C PHE A 364 -21.72 -15.89 24.28
N HIS A 365 -22.34 -14.75 24.56
CA HIS A 365 -23.42 -14.67 25.54
C HIS A 365 -24.61 -15.50 25.07
N LYS A 366 -25.07 -15.23 23.85
CA LYS A 366 -26.09 -16.01 23.19
C LYS A 366 -25.76 -17.51 23.15
N MET A 367 -24.48 -17.85 23.05
CA MET A 367 -24.02 -19.25 22.99
C MET A 367 -24.06 -19.89 24.38
N ASP A 368 -23.85 -19.07 25.41
CA ASP A 368 -23.87 -19.51 26.81
C ASP A 368 -25.26 -20.04 27.22
N LYS A 369 -25.50 -21.34 27.00
CA LYS A 369 -26.83 -21.96 27.21
C LYS A 369 -27.24 -21.92 28.70
N ASN A 370 -26.30 -22.17 29.62
CA ASN A 370 -26.56 -22.11 31.08
C ASN A 370 -26.40 -20.72 31.68
N GLY A 371 -25.57 -19.88 31.06
CA GLY A 371 -25.39 -18.48 31.49
C GLY A 371 -24.31 -18.28 32.55
N ASP A 372 -23.39 -19.23 32.70
CA ASP A 372 -22.35 -19.15 33.74
C ASP A 372 -21.05 -18.44 33.30
N GLY A 373 -20.98 -18.02 32.03
CA GLY A 373 -19.83 -17.30 31.48
C GLY A 373 -18.72 -18.15 30.87
N GLN A 374 -18.94 -19.47 30.79
CA GLN A 374 -17.93 -20.45 30.40
C GLN A 374 -18.34 -21.17 29.12
N LEU A 375 -17.34 -21.65 28.38
CA LEU A 375 -17.55 -22.38 27.13
C LEU A 375 -16.35 -23.30 26.89
N ASP A 376 -16.57 -24.37 26.11
CA ASP A 376 -15.51 -25.32 25.80
C ASP A 376 -14.87 -24.99 24.44
N ARG A 377 -13.83 -25.73 24.08
CA ARG A 377 -13.10 -25.50 22.83
C ARG A 377 -14.02 -25.40 21.61
N ALA A 378 -15.09 -26.19 21.58
CA ALA A 378 -15.96 -26.29 20.38
C ALA A 378 -16.87 -25.06 20.16
N GLU A 379 -17.44 -24.56 21.26
CA GLU A 379 -18.28 -23.36 21.23
C GLU A 379 -17.46 -22.11 20.86
N LEU A 380 -16.25 -22.02 21.38
CA LEU A 380 -15.34 -20.94 21.07
C LEU A 380 -15.10 -20.85 19.58
N ILE A 381 -14.80 -22.00 18.97
CA ILE A 381 -14.55 -22.12 17.51
C ILE A 381 -15.78 -21.68 16.72
N GLU A 382 -16.92 -22.27 17.07
CA GLU A 382 -18.16 -21.94 16.42
C GLU A 382 -18.45 -20.42 16.51
N GLY A 383 -18.31 -19.84 17.70
CA GLY A 383 -18.59 -18.42 17.92
C GLY A 383 -17.65 -17.54 17.14
N TYR A 384 -16.37 -17.93 17.09
CA TYR A 384 -15.39 -17.20 16.29
C TYR A 384 -15.76 -17.25 14.80
N LYS A 385 -16.15 -18.43 14.32
CA LYS A 385 -16.60 -18.57 12.93
C LYS A 385 -17.80 -17.68 12.70
N GLU A 386 -18.73 -17.71 13.64
CA GLU A 386 -19.96 -16.93 13.52
C GLU A 386 -19.57 -15.47 13.35
N LEU A 387 -18.66 -14.98 14.20
CA LEU A 387 -18.16 -13.60 14.10
C LEU A 387 -17.73 -13.26 12.68
N MET A 388 -17.10 -14.22 12.00
CA MET A 388 -16.56 -13.95 10.67
C MET A 388 -17.55 -14.04 9.50
N ARG A 389 -18.66 -14.73 9.68
CA ARG A 389 -19.76 -14.61 8.73
C ARG A 389 -20.29 -13.18 8.80
N MET A 390 -20.51 -12.70 10.02
CA MET A 390 -21.06 -11.37 10.23
C MET A 390 -20.16 -10.27 9.68
N LYS A 391 -18.88 -10.31 10.06
CA LYS A 391 -17.92 -9.23 9.79
C LYS A 391 -17.04 -9.49 8.57
N GLY A 392 -17.29 -10.60 7.87
CA GLY A 392 -16.46 -11.03 6.74
C GLY A 392 -15.24 -11.78 7.21
N GLN A 393 -14.70 -12.65 6.36
CA GLN A 393 -13.48 -13.39 6.73
C GLN A 393 -12.27 -12.44 6.92
N ASP A 394 -11.58 -12.63 8.04
CA ASP A 394 -10.27 -12.04 8.27
C ASP A 394 -9.31 -12.67 7.27
N ALA A 395 -8.54 -11.84 6.60
CA ALA A 395 -7.63 -12.29 5.57
C ALA A 395 -6.88 -13.58 5.98
N SER A 396 -6.40 -13.62 7.22
CA SER A 396 -5.57 -14.73 7.68
C SER A 396 -6.36 -15.91 8.29
N MET A 397 -7.64 -16.01 7.99
CA MET A 397 -8.48 -17.10 8.48
C MET A 397 -9.32 -17.54 7.31
N LEU A 398 -8.70 -18.27 6.38
CA LEU A 398 -9.28 -18.54 5.07
C LEU A 398 -10.21 -19.74 5.08
N ASP A 399 -10.05 -20.61 6.08
CA ASP A 399 -10.97 -21.74 6.25
C ASP A 399 -11.15 -22.10 7.72
N ALA A 400 -11.99 -23.11 7.95
CA ALA A 400 -12.28 -23.63 9.28
C ALA A 400 -11.06 -24.14 10.03
N SER A 401 -10.08 -24.68 9.31
N SER A 401 -10.10 -24.69 9.30
CA SER A 401 -8.85 -25.13 9.94
CA SER A 401 -8.85 -25.14 9.89
C SER A 401 -8.05 -23.97 10.50
C SER A 401 -8.07 -23.97 10.49
N ALA A 402 -7.96 -22.87 9.74
CA ALA A 402 -7.22 -21.68 10.21
C ALA A 402 -7.84 -21.01 11.45
N VAL A 403 -9.16 -21.13 11.61
CA VAL A 403 -9.83 -20.55 12.80
C VAL A 403 -9.46 -21.36 14.02
N GLU A 404 -9.45 -22.69 13.86
CA GLU A 404 -9.13 -23.60 14.96
C GLU A 404 -7.76 -23.36 15.54
N HIS A 405 -6.75 -23.15 14.68
CA HIS A 405 -5.37 -22.94 15.13
CA HIS A 405 -5.38 -22.94 15.14
C HIS A 405 -5.25 -21.58 15.82
N GLU A 406 -5.96 -20.57 15.32
CA GLU A 406 -6.01 -19.29 16.03
C GLU A 406 -6.65 -19.51 17.41
N VAL A 407 -7.78 -20.20 17.48
CA VAL A 407 -8.41 -20.51 18.77
C VAL A 407 -7.40 -21.24 19.64
N ASP A 408 -6.87 -22.35 19.11
CA ASP A 408 -5.87 -23.13 19.85
C ASP A 408 -4.65 -22.28 20.27
N GLN A 409 -4.24 -21.32 19.43
CA GLN A 409 -3.21 -20.34 19.84
C GLN A 409 -3.67 -19.44 21.00
N VAL A 410 -4.91 -18.96 20.94
CA VAL A 410 -5.45 -18.10 22.00
C VAL A 410 -5.50 -18.89 23.30
N LEU A 411 -6.09 -20.08 23.24
CA LEU A 411 -6.12 -20.95 24.40
C LEU A 411 -4.73 -21.25 25.00
N ASP A 412 -3.67 -21.37 24.20
CA ASP A 412 -2.36 -21.70 24.76
C ASP A 412 -1.88 -20.58 25.69
N ALA A 413 -2.31 -19.35 25.42
CA ALA A 413 -2.01 -18.21 26.30
C ALA A 413 -3.03 -18.04 27.45
N VAL A 414 -3.97 -18.97 27.59
CA VAL A 414 -5.02 -18.86 28.61
C VAL A 414 -5.11 -20.14 29.47
N ASP A 415 -4.93 -21.30 28.86
CA ASP A 415 -4.81 -22.59 29.55
C ASP A 415 -5.32 -22.60 30.99
N GLU A 423 -13.52 -19.34 30.35
CA GLU A 423 -14.27 -18.09 30.56
C GLU A 423 -14.19 -17.21 29.31
N TYR A 424 -15.33 -17.03 28.64
CA TYR A 424 -15.31 -16.43 27.31
C TYR A 424 -14.83 -14.97 27.24
N SER A 425 -14.76 -14.28 28.38
CA SER A 425 -14.29 -12.88 28.43
C SER A 425 -12.77 -12.74 28.44
N GLU A 426 -12.06 -13.73 28.99
CA GLU A 426 -10.60 -13.76 28.88
C GLU A 426 -10.20 -14.09 27.44
N PHE A 427 -10.98 -14.97 26.78
CA PHE A 427 -10.70 -15.35 25.40
C PHE A 427 -10.87 -14.16 24.47
N VAL A 428 -11.99 -13.46 24.63
CA VAL A 428 -12.30 -12.29 23.84
C VAL A 428 -11.14 -11.29 23.92
N THR A 429 -10.73 -10.89 25.12
CA THR A 429 -9.66 -9.91 25.27
C THR A 429 -8.36 -10.33 24.60
N VAL A 430 -7.95 -11.57 24.81
CA VAL A 430 -6.72 -12.07 24.20
C VAL A 430 -6.81 -12.18 22.67
N ALA A 431 -7.94 -12.68 22.18
CA ALA A 431 -8.13 -12.85 20.74
C ALA A 431 -8.11 -11.49 20.00
N MET A 432 -8.69 -10.46 20.62
CA MET A 432 -8.75 -9.11 20.04
C MET A 432 -7.38 -8.37 20.10
N ASP A 433 -6.73 -8.35 21.26
CA ASP A 433 -5.33 -7.87 21.35
C ASP A 433 -4.43 -8.51 20.28
N ARG A 434 -4.65 -9.78 19.95
CA ARG A 434 -3.83 -10.42 18.89
C ARG A 434 -4.12 -9.91 17.47
N LYS A 435 -5.33 -9.39 17.23
CA LYS A 435 -5.65 -8.76 15.93
C LYS A 435 -5.17 -7.31 15.83
N THR A 436 -4.99 -6.65 16.97
CA THR A 436 -4.48 -5.26 16.99
C THR A 436 -2.95 -5.23 16.89
N LEU A 437 -2.32 -6.36 17.23
CA LEU A 437 -0.88 -6.42 17.44
C LEU A 437 -0.12 -5.76 16.31
N LEU A 438 -0.36 -6.24 15.09
CA LEU A 438 0.32 -5.76 13.88
C LEU A 438 0.25 -4.22 13.68
N SER A 439 -0.93 -3.65 13.97
CA SER A 439 -1.18 -2.20 13.94
C SER A 439 -0.37 -1.43 14.99
N ARG A 440 -0.40 -1.90 16.23
CA ARG A 440 0.26 -1.24 17.36
C ARG A 440 1.76 -1.30 17.27
N GLU A 441 2.28 -2.30 16.56
CA GLU A 441 3.72 -2.48 16.45
C GLU A 441 4.20 -1.75 15.21
N ARG A 442 3.41 -1.84 14.13
CA ARG A 442 3.65 -1.08 12.91
C ARG A 442 3.75 0.42 13.23
N LEU A 443 2.84 0.91 14.08
CA LEU A 443 2.84 2.33 14.56
C LEU A 443 4.10 2.67 15.32
N GLU A 444 4.44 1.88 16.33
CA GLU A 444 5.67 2.11 17.07
C GLU A 444 6.91 2.03 16.16
N ARG A 445 6.99 1.00 15.31
CA ARG A 445 8.17 0.91 14.47
CA ARG A 445 8.11 0.86 14.36
C ARG A 445 8.15 2.07 13.46
N ALA A 446 6.95 2.49 13.03
CA ALA A 446 6.87 3.60 12.09
C ALA A 446 7.23 4.93 12.77
N PHE A 447 6.89 5.08 14.05
CA PHE A 447 7.32 6.29 14.80
C PHE A 447 8.83 6.31 15.01
N ARG A 448 9.42 5.16 15.39
CA ARG A 448 10.89 5.03 15.58
C ARG A 448 11.70 5.34 14.33
N MET A 449 11.19 4.89 13.19
CA MET A 449 11.83 5.10 11.88
C MET A 449 11.78 6.56 11.51
N PHE A 450 10.64 7.19 11.75
CA PHE A 450 10.44 8.58 11.41
C PHE A 450 11.33 9.51 12.27
N ASP A 451 11.69 9.04 13.48
CA ASP A 451 12.49 9.79 14.44
C ASP A 451 13.96 9.51 14.14
N SER A 452 14.46 10.16 13.10
CA SER A 452 15.76 9.76 12.49
C SER A 452 16.96 10.11 13.36
N ASP A 453 16.87 11.18 14.13
N ASP A 453 16.86 11.19 14.12
CA ASP A 453 17.87 11.54 15.13
CA ASP A 453 17.85 11.58 15.13
C ASP A 453 17.71 10.84 16.48
C ASP A 453 17.66 10.89 16.49
N ASN A 454 16.75 9.92 16.59
CA ASN A 454 16.47 9.23 17.84
C ASN A 454 16.28 10.20 19.04
N SER A 455 15.62 11.34 18.85
CA SER A 455 15.37 12.26 19.98
C SER A 455 14.24 11.72 20.87
N GLY A 456 13.46 10.77 20.35
CA GLY A 456 12.32 10.23 21.05
C GLY A 456 11.07 11.07 20.87
N LYS A 457 11.18 12.20 20.16
CA LYS A 457 10.07 13.14 19.99
C LYS A 457 9.79 13.52 18.52
N ILE A 458 8.56 13.95 18.27
N ILE A 458 8.58 13.96 18.24
CA ILE A 458 8.10 14.55 17.00
CA ILE A 458 8.33 14.65 17.00
C ILE A 458 7.64 15.99 17.28
C ILE A 458 7.69 15.99 17.28
N SER A 459 8.15 16.97 16.53
CA SER A 459 7.75 18.35 16.73
C SER A 459 6.35 18.64 16.15
N SER A 460 5.80 19.78 16.54
CA SER A 460 4.50 20.27 16.06
C SER A 460 4.48 20.49 14.56
N THR A 461 5.59 20.96 14.00
CA THR A 461 5.77 21.11 12.56
C THR A 461 5.68 19.77 11.87
N GLU A 462 6.32 18.76 12.44
CA GLU A 462 6.23 17.41 11.89
C GLU A 462 4.85 16.78 12.09
N LEU A 463 4.18 17.10 13.18
CA LEU A 463 2.81 16.65 13.35
C LEU A 463 1.92 17.24 12.28
N ALA A 464 2.10 18.52 11.94
CA ALA A 464 1.34 19.17 10.85
C ALA A 464 1.50 18.39 9.59
N THR A 465 2.73 18.12 9.21
CA THR A 465 3.00 17.35 8.03
C THR A 465 2.34 15.98 8.08
N ILE A 466 2.54 15.24 9.16
CA ILE A 466 1.93 13.91 9.30
C ILE A 466 0.42 13.95 9.21
N PHE A 467 -0.21 14.92 9.88
CA PHE A 467 -1.66 14.95 9.92
C PHE A 467 -2.27 15.51 8.62
N GLY A 468 -1.52 16.35 7.91
CA GLY A 468 -1.89 16.83 6.60
C GLY A 468 -1.94 15.69 5.59
N VAL A 469 -0.88 14.90 5.54
CA VAL A 469 -0.85 13.70 4.70
C VAL A 469 -1.96 12.71 5.09
N SER A 470 -2.30 12.64 6.37
CA SER A 470 -3.34 11.73 6.87
C SER A 470 -4.70 12.35 6.66
N ASP A 471 -4.68 13.61 6.24
CA ASP A 471 -5.90 14.35 5.97
C ASP A 471 -6.80 14.45 7.21
N VAL A 472 -6.16 14.65 8.36
CA VAL A 472 -6.85 15.01 9.60
C VAL A 472 -6.75 16.50 9.88
N ASP A 473 -7.87 17.02 10.37
CA ASP A 473 -8.14 18.42 10.41
C ASP A 473 -7.23 19.22 11.34
N SER A 474 -6.59 20.23 10.77
CA SER A 474 -5.65 21.06 11.48
C SER A 474 -6.16 21.49 12.86
N GLU A 475 -7.36 22.09 12.91
CA GLU A 475 -7.95 22.47 14.21
C GLU A 475 -8.24 21.26 15.11
N THR A 476 -8.69 20.17 14.51
CA THR A 476 -9.04 18.96 15.28
C THR A 476 -7.83 18.30 15.98
N TRP A 477 -6.71 18.13 15.26
CA TRP A 477 -5.52 17.51 15.86
C TRP A 477 -4.87 18.41 16.92
N LYS A 478 -4.77 19.72 16.63
CA LYS A 478 -4.32 20.73 17.61
C LYS A 478 -5.17 20.68 18.88
N SER A 479 -6.47 20.48 18.74
CA SER A 479 -7.33 20.36 19.91
C SER A 479 -7.07 19.10 20.71
N VAL A 480 -6.73 18.01 20.03
CA VAL A 480 -6.53 16.74 20.76
C VAL A 480 -5.24 16.81 21.60
N LEU A 481 -4.21 17.38 21.01
CA LEU A 481 -2.93 17.63 21.66
C LEU A 481 -3.17 18.31 23.02
N SER A 482 -3.78 19.50 22.94
CA SER A 482 -4.05 20.37 24.08
C SER A 482 -4.57 19.58 25.25
N GLU A 483 -5.50 18.69 24.98
CA GLU A 483 -5.88 17.72 25.97
C GLU A 483 -4.73 16.71 26.14
N ASP A 485 -0.52 17.06 26.31
CA ASP A 485 0.29 18.28 26.26
C ASP A 485 -0.52 19.47 26.80
N LYS A 486 -0.81 19.45 28.09
CA LYS A 486 -1.28 20.66 28.76
C LYS A 486 -0.09 21.59 29.08
N ASN A 487 1.12 21.25 28.64
CA ASN A 487 2.36 21.99 28.99
C ASN A 487 3.16 22.59 27.81
N ASN A 488 2.66 22.41 26.59
CA ASN A 488 3.31 22.88 25.34
C ASN A 488 4.85 22.83 25.20
N ASP A 489 5.42 21.63 25.17
CA ASP A 489 6.79 21.48 24.71
C ASP A 489 6.92 21.79 23.21
N GLY A 490 5.80 21.85 22.50
CA GLY A 490 5.78 21.87 21.02
C GLY A 490 6.22 20.55 20.37
N GLU A 491 6.05 19.44 21.08
CA GLU A 491 6.54 18.14 20.66
C GLU A 491 5.86 17.05 21.51
N VAL A 492 5.83 15.81 21.01
CA VAL A 492 5.19 14.68 21.69
C VAL A 492 6.10 13.45 21.56
N ASP A 493 6.14 12.61 22.61
CA ASP A 493 6.90 11.35 22.58
C ASP A 493 5.92 10.34 22.07
N PHE A 494 6.32 9.08 21.99
CA PHE A 494 5.50 8.09 21.35
C PHE A 494 4.20 7.87 22.11
N ASP A 495 4.25 7.74 23.43
CA ASP A 495 3.00 7.48 24.19
C ASP A 495 1.93 8.57 23.98
N GLU A 496 2.37 9.81 23.91
CA GLU A 496 1.49 10.92 23.74
C GLU A 496 0.87 10.92 22.33
N PHE A 497 1.72 10.73 21.33
CA PHE A 497 1.29 10.58 19.92
C PHE A 497 0.20 9.53 19.81
N GLN A 498 0.45 8.37 20.42
CA GLN A 498 -0.56 7.29 20.46
C GLN A 498 -1.86 7.71 21.16
N GLN A 499 -1.75 8.48 22.24
CA GLN A 499 -2.94 8.99 22.89
C GLN A 499 -3.70 9.96 21.99
N MET A 500 -2.99 10.75 21.22
CA MET A 500 -3.63 11.64 20.26
C MET A 500 -4.51 10.86 19.27
N LEU A 501 -3.95 9.79 18.70
CA LEU A 501 -4.67 8.97 17.73
C LEU A 501 -5.88 8.30 18.34
N LEU A 502 -5.73 7.81 19.56
CA LEU A 502 -6.82 7.16 20.27
C LEU A 502 -7.97 8.17 20.43
N LYS A 503 -7.63 9.39 20.81
CA LYS A 503 -8.64 10.44 20.96
C LYS A 503 -9.30 10.88 19.65
N LEU A 504 -8.62 10.64 18.53
CA LEU A 504 -9.15 10.93 17.21
C LEU A 504 -9.94 9.77 16.66
N CYS A 505 -10.19 8.73 17.44
CA CYS A 505 -11.07 7.70 16.97
C CYS A 505 -12.02 7.27 18.07
N GLY A 506 -12.42 8.25 18.88
CA GLY A 506 -13.46 8.12 19.89
C GLY A 506 -13.08 7.39 21.17
N ASN A 507 -11.78 7.13 21.36
CA ASN A 507 -11.28 6.57 22.62
C ASN A 507 -10.65 7.72 23.42
#